data_5V2L
#
_entry.id   5V2L
#
_cell.length_a   81.953
_cell.length_b   97.684
_cell.length_c   46.307
_cell.angle_alpha   90.00
_cell.angle_beta   90.00
_cell.angle_gamma   90.00
#
_symmetry.space_group_name_H-M   'P 21 21 2'
#
loop_
_entity.id
_entity.type
_entity.pdbx_description
1 polymer 'Mevalonate diphosphate decarboxylase'
2 non-polymer "ADENOSINE-5'-TRIPHOSPHATE"
3 non-polymer 'PHOSPHATE ION'
4 water water
#
_entity_poly.entity_id   1
_entity_poly.type   'polypeptide(L)'
_entity_poly.pdbx_seq_one_letter_code
;SNAMLSGKARAHTNIALIKYWGKANEEYILPMNSSLSLTLDAFYTETTVTFDAHYSEDVFILNGILQNEKQTKKVKEFLN
LVRQQADCTWFAKVESQNFVPTAAGLASSASGLAALAGACNVALGLNLSAKDLSRLARRGSGSACRSIFGGFAQWNKGHS
DETSFAENIPANNWENELAMLFILINDGEKDVSSRDGMKRTVETSSFYQGWLDNVEKDLSQVHEAIKTKDFPRLGEIIEA
NGLRMHGTTLGAVPPFTYWSPGSLQAMALVRQARAKGIPCYFTMDAGPNVKVLVEKKNLEALKTFLSEHFSKEQLVPAFA
GPGIELFETKGMDK
;
_entity_poly.pdbx_strand_id   A
#
# COMPACT_ATOMS: atom_id res chain seq x y z
N ALA A 3 7.55 -9.39 -33.56
CA ALA A 3 8.58 -8.80 -32.62
C ALA A 3 7.88 -8.08 -31.45
N MET A 4 7.41 -8.90 -30.52
CA MET A 4 6.71 -8.43 -29.34
C MET A 4 6.90 -9.43 -28.23
N LEU A 5 6.83 -8.91 -27.02
CA LEU A 5 6.97 -9.69 -25.80
C LEU A 5 5.91 -9.17 -24.84
N SER A 6 5.28 -10.09 -24.10
CA SER A 6 4.09 -9.77 -23.32
C SER A 6 4.10 -10.58 -22.04
N GLY A 7 3.43 -10.03 -21.02
CA GLY A 7 3.31 -10.66 -19.72
C GLY A 7 2.10 -10.11 -18.98
N LYS A 8 1.70 -10.81 -17.92
CA LYS A 8 0.51 -10.43 -17.18
C LYS A 8 0.76 -10.74 -15.71
N ALA A 9 0.15 -9.95 -14.82
CA ALA A 9 0.26 -10.26 -13.40
C ALA A 9 -0.97 -9.77 -12.65
N ARG A 10 -1.25 -10.39 -11.50
CA ARG A 10 -2.25 -9.87 -10.56
C ARG A 10 -1.57 -9.62 -9.24
N ALA A 11 -1.77 -8.43 -8.69
CA ALA A 11 -1.27 -8.10 -7.36
C ALA A 11 -2.36 -7.44 -6.51
N HIS A 12 -2.38 -7.78 -5.22
CA HIS A 12 -3.35 -7.26 -4.28
C HIS A 12 -2.83 -6.01 -3.57
N THR A 13 -3.76 -5.18 -3.14
CA THR A 13 -3.39 -4.04 -2.33
C THR A 13 -2.90 -4.49 -0.96
N ASN A 14 -2.22 -3.58 -0.26
CA ASN A 14 -1.79 -3.80 1.12
C ASN A 14 -2.04 -2.50 1.85
N ILE A 15 -2.30 -2.58 3.15
CA ILE A 15 -2.45 -1.39 4.00
C ILE A 15 -1.35 -1.43 5.07
N ALA A 16 -0.65 -0.31 5.21
CA ALA A 16 0.50 -0.26 6.09
C ALA A 16 0.01 -0.12 7.52
N LEU A 17 0.49 -0.99 8.39
CA LEU A 17 0.16 -0.94 9.80
C LEU A 17 1.17 -0.09 10.53
N ILE A 18 2.44 -0.31 10.21
CA ILE A 18 3.52 0.60 10.53
C ILE A 18 3.85 1.33 9.24
N LYS A 19 3.74 2.65 9.24
CA LYS A 19 3.65 3.43 8.02
C LYS A 19 4.99 3.64 7.36
N TYR A 20 4.98 3.61 6.03
CA TYR A 20 6.06 4.15 5.21
C TYR A 20 5.84 5.65 5.14
N TRP A 21 6.84 6.44 5.55
CA TRP A 21 6.58 7.87 5.69
C TRP A 21 7.91 8.60 5.56
N GLY A 22 8.24 8.98 4.33
CA GLY A 22 9.46 9.73 4.07
C GLY A 22 10.53 8.92 3.36
N LYS A 23 11.12 9.53 2.34
CA LYS A 23 12.15 8.93 1.51
C LYS A 23 13.51 9.41 1.98
N ALA A 24 14.39 8.46 2.23
CA ALA A 24 15.80 8.76 2.41
C ALA A 24 16.48 9.03 1.07
N ASN A 25 16.03 8.41 -0.02
CA ASN A 25 16.62 8.63 -1.34
C ASN A 25 15.51 8.62 -2.36
N GLU A 26 15.32 9.75 -3.03
CA GLU A 26 14.20 9.89 -3.93
C GLU A 26 14.41 9.13 -5.24
N GLU A 27 15.65 9.02 -5.70
CA GLU A 27 15.91 8.41 -7.01
C GLU A 27 15.60 6.92 -6.97
N TYR A 28 16.00 6.24 -5.93
CA TYR A 28 15.85 4.81 -5.76
C TYR A 28 14.71 4.40 -4.84
N ILE A 29 13.93 5.38 -4.32
CA ILE A 29 12.90 5.15 -3.31
C ILE A 29 13.44 4.24 -2.22
N LEU A 30 14.41 4.75 -1.49
CA LEU A 30 14.86 4.07 -0.29
C LEU A 30 14.23 4.84 0.86
N PRO A 31 13.62 4.15 1.82
CA PRO A 31 12.79 4.83 2.83
C PRO A 31 13.58 5.23 4.08
N MET A 32 13.10 6.30 4.76
CA MET A 32 13.69 6.68 6.04
C MET A 32 13.48 5.62 7.09
N ASN A 33 12.45 4.81 6.97
CA ASN A 33 12.17 3.84 8.01
C ASN A 33 11.52 2.62 7.38
N SER A 34 11.60 1.51 8.10
CA SER A 34 10.99 0.28 7.69
C SER A 34 9.49 0.33 7.96
N SER A 35 8.76 -0.53 7.25
CA SER A 35 7.32 -0.52 7.36
C SER A 35 6.79 -1.93 7.28
N LEU A 36 5.53 -2.10 7.72
CA LEU A 36 4.89 -3.41 7.82
C LEU A 36 3.41 -3.30 7.44
N SER A 37 2.95 -4.20 6.58
CA SER A 37 1.61 -4.10 6.01
C SER A 37 0.89 -5.43 6.12
N LEU A 38 -0.41 -5.40 5.81
CA LEU A 38 -1.22 -6.58 5.60
C LEU A 38 -1.76 -6.48 4.18
N THR A 39 -1.50 -7.51 3.39
CA THR A 39 -2.06 -7.62 2.04
C THR A 39 -3.49 -8.14 2.11
N LEU A 40 -4.36 -7.57 1.29
CA LEU A 40 -5.81 -7.76 1.41
C LEU A 40 -6.37 -8.47 0.18
N ASP A 41 -7.43 -9.27 0.41
CA ASP A 41 -7.99 -10.06 -0.67
C ASP A 41 -8.94 -9.27 -1.54
N ALA A 42 -9.52 -8.20 -0.98
CA ALA A 42 -10.67 -7.56 -1.60
C ALA A 42 -10.29 -6.74 -2.81
N PHE A 43 -9.14 -6.08 -2.76
CA PHE A 43 -8.78 -5.03 -3.70
C PHE A 43 -7.51 -5.43 -4.44
N TYR A 44 -7.52 -5.33 -5.76
CA TYR A 44 -6.38 -5.84 -6.52
C TYR A 44 -6.39 -5.25 -7.90
N THR A 45 -5.29 -5.48 -8.61
CA THR A 45 -5.08 -4.97 -9.96
C THR A 45 -4.69 -6.14 -10.86
N GLU A 46 -5.16 -6.12 -12.08
CA GLU A 46 -4.72 -7.06 -13.10
C GLU A 46 -4.11 -6.26 -14.24
N THR A 47 -2.89 -6.63 -14.63
CA THR A 47 -2.16 -5.82 -15.59
C THR A 47 -1.52 -6.71 -16.63
N THR A 48 -1.62 -6.30 -17.90
CA THR A 48 -0.84 -6.87 -18.99
C THR A 48 0.01 -5.79 -19.65
N VAL A 49 1.20 -6.17 -20.06
CA VAL A 49 2.06 -5.25 -20.77
C VAL A 49 2.53 -5.94 -22.05
N THR A 50 2.65 -5.15 -23.11
CA THR A 50 3.14 -5.60 -24.40
C THR A 50 4.26 -4.65 -24.79
N PHE A 51 5.42 -5.21 -25.07
CA PHE A 51 6.53 -4.49 -25.69
C PHE A 51 6.56 -4.93 -27.15
N ASP A 52 6.57 -3.96 -28.07
CA ASP A 52 6.46 -4.26 -29.49
C ASP A 52 7.28 -3.27 -30.30
N ALA A 53 8.13 -3.80 -31.20
CA ALA A 53 8.93 -2.96 -32.09
C ALA A 53 8.09 -2.02 -32.93
N HIS A 54 6.81 -2.33 -33.15
CA HIS A 54 6.00 -1.49 -34.02
C HIS A 54 5.24 -0.41 -33.26
N TYR A 55 5.33 -0.40 -31.93
CA TYR A 55 4.76 0.70 -31.18
C TYR A 55 5.52 1.98 -31.40
N SER A 56 4.76 3.05 -31.55
CA SER A 56 5.30 4.36 -31.79
C SER A 56 5.34 5.25 -30.56
N GLU A 57 4.79 4.82 -29.42
CA GLU A 57 4.85 5.59 -28.17
C GLU A 57 4.37 4.69 -27.05
N ASP A 58 4.68 5.06 -25.80
CA ASP A 58 4.16 4.32 -24.65
C ASP A 58 2.67 4.62 -24.45
N VAL A 59 1.87 3.58 -24.20
CA VAL A 59 0.42 3.73 -24.06
C VAL A 59 -0.04 3.07 -22.75
N PHE A 60 -0.83 3.80 -21.95
CA PHE A 60 -1.39 3.27 -20.71
C PHE A 60 -2.92 3.36 -20.79
N ILE A 61 -3.59 2.21 -20.66
CA ILE A 61 -5.05 2.15 -20.61
C ILE A 61 -5.45 1.62 -19.24
N LEU A 62 -6.32 2.34 -18.54
CA LEU A 62 -6.72 1.96 -17.19
C LEU A 62 -8.23 1.88 -17.12
N ASN A 63 -8.76 0.75 -16.68
CA ASN A 63 -10.20 0.53 -16.63
C ASN A 63 -10.82 0.80 -18.01
N GLY A 64 -10.11 0.50 -19.10
CA GLY A 64 -10.62 0.72 -20.45
C GLY A 64 -10.39 2.11 -21.01
N ILE A 65 -9.82 3.02 -20.24
CA ILE A 65 -9.74 4.43 -20.60
C ILE A 65 -8.29 4.83 -20.88
N LEU A 66 -8.05 5.43 -22.05
CA LEU A 66 -6.71 5.94 -22.37
C LEU A 66 -6.31 7.03 -21.40
N GLN A 67 -5.12 6.90 -20.84
CA GLN A 67 -4.63 7.84 -19.84
C GLN A 67 -3.80 8.92 -20.52
N ASN A 68 -3.89 10.14 -19.97
CA ASN A 68 -3.16 11.26 -20.55
C ASN A 68 -1.75 11.30 -19.99
N GLU A 69 -0.95 12.22 -20.51
CA GLU A 69 0.47 12.27 -20.15
C GLU A 69 0.66 12.35 -18.65
N LYS A 70 -0.17 13.14 -17.98
CA LYS A 70 -0.04 13.30 -16.54
C LYS A 70 -0.40 12.02 -15.80
N GLN A 71 -1.50 11.38 -16.20
CA GLN A 71 -1.92 10.13 -15.58
C GLN A 71 -1.00 8.95 -15.94
N THR A 72 -0.16 9.09 -16.97
CA THR A 72 0.76 8.08 -17.49
C THR A 72 2.19 8.31 -16.98
N LYS A 73 2.45 9.39 -16.25
CA LYS A 73 3.83 9.78 -15.96
C LYS A 73 4.54 8.72 -15.12
N LYS A 74 3.88 8.22 -14.08
CA LYS A 74 4.48 7.22 -13.22
C LYS A 74 4.71 5.91 -13.98
N VAL A 75 3.75 5.47 -14.80
CA VAL A 75 3.93 4.23 -15.57
C VAL A 75 5.12 4.36 -16.49
N LYS A 76 5.26 5.53 -17.11
CA LYS A 76 6.29 5.77 -18.11
C LYS A 76 7.67 5.80 -17.49
N GLU A 77 7.80 6.35 -16.29
CA GLU A 77 9.10 6.32 -15.60
C GLU A 77 9.46 4.90 -15.15
N PHE A 78 8.47 4.10 -14.77
CA PHE A 78 8.76 2.72 -14.43
C PHE A 78 9.14 1.93 -15.69
N LEU A 79 8.40 2.12 -16.80
CA LEU A 79 8.78 1.47 -18.04
C LEU A 79 10.18 1.86 -18.46
N ASN A 80 10.58 3.13 -18.25
CA ASN A 80 11.90 3.54 -18.69
C ASN A 80 13.00 2.81 -17.91
N LEU A 81 12.80 2.60 -16.61
CA LEU A 81 13.85 2.00 -15.80
C LEU A 81 13.90 0.49 -15.98
N VAL A 82 12.76 -0.17 -16.18
CA VAL A 82 12.82 -1.59 -16.49
C VAL A 82 13.41 -1.77 -17.90
N ARG A 83 13.15 -0.85 -18.84
CA ARG A 83 13.80 -0.97 -20.14
C ARG A 83 15.30 -0.76 -20.05
N GLN A 84 15.73 0.21 -19.25
CA GLN A 84 17.16 0.50 -19.20
C GLN A 84 17.89 -0.67 -18.58
N GLN A 85 17.24 -1.37 -17.67
CA GLN A 85 17.80 -2.54 -17.02
C GLN A 85 17.80 -3.77 -17.92
N ALA A 86 16.91 -3.83 -18.91
CA ALA A 86 16.97 -4.89 -19.89
C ALA A 86 17.71 -4.50 -21.18
N ASP A 87 18.11 -3.24 -21.35
CA ASP A 87 18.67 -2.82 -22.64
C ASP A 87 17.63 -2.94 -23.76
N CYS A 88 16.35 -2.70 -23.42
CA CYS A 88 15.22 -2.85 -24.31
C CYS A 88 14.84 -1.49 -24.87
N THR A 89 14.65 -1.41 -26.17
CA THR A 89 14.44 -0.15 -26.84
C THR A 89 13.04 -0.04 -27.43
N TRP A 90 12.14 -0.92 -27.05
CA TRP A 90 10.79 -0.86 -27.57
C TRP A 90 9.84 -0.08 -26.67
N PHE A 91 8.92 0.66 -27.29
CA PHE A 91 7.76 1.21 -26.59
C PHE A 91 6.84 0.10 -26.14
N ALA A 92 5.98 0.41 -25.15
CA ALA A 92 5.10 -0.58 -24.57
C ALA A 92 3.65 -0.08 -24.47
N LYS A 93 2.74 -1.03 -24.36
CA LYS A 93 1.34 -0.79 -24.05
C LYS A 93 0.99 -1.49 -22.74
N VAL A 94 0.50 -0.71 -21.77
CA VAL A 94 0.07 -1.23 -20.49
C VAL A 94 -1.46 -1.16 -20.46
N GLU A 95 -2.10 -2.28 -20.17
CA GLU A 95 -3.54 -2.31 -19.97
C GLU A 95 -3.80 -2.86 -18.59
N SER A 96 -4.44 -2.06 -17.75
CA SER A 96 -4.67 -2.45 -16.37
C SER A 96 -6.13 -2.20 -15.98
N GLN A 97 -6.60 -3.02 -15.05
CA GLN A 97 -7.91 -2.89 -14.44
C GLN A 97 -7.75 -2.97 -12.92
N ASN A 98 -8.29 -1.98 -12.22
CA ASN A 98 -8.28 -1.94 -10.77
C ASN A 98 -9.59 -2.53 -10.26
N PHE A 99 -9.52 -3.64 -9.51
CA PHE A 99 -10.69 -4.24 -8.89
C PHE A 99 -10.82 -3.67 -7.50
N VAL A 100 -11.46 -2.51 -7.41
CA VAL A 100 -11.71 -1.76 -6.18
C VAL A 100 -13.13 -1.20 -6.26
N PRO A 101 -13.69 -0.64 -5.17
CA PRO A 101 -15.05 -0.09 -5.25
C PRO A 101 -15.11 1.16 -6.11
N THR A 102 -16.12 1.21 -6.96
CA THR A 102 -16.31 2.33 -7.88
C THR A 102 -16.55 3.61 -7.10
N ALA A 103 -15.99 4.72 -7.59
CA ALA A 103 -16.18 6.03 -7.01
C ALA A 103 -15.68 6.11 -5.57
N ALA A 104 -14.94 5.11 -5.10
CA ALA A 104 -14.27 5.16 -3.81
C ALA A 104 -12.82 5.55 -4.02
N GLY A 105 -12.25 6.23 -3.03
CA GLY A 105 -10.95 6.83 -3.21
C GLY A 105 -9.79 5.92 -2.86
N LEU A 106 -9.87 4.64 -3.23
CA LEU A 106 -8.82 3.69 -2.87
C LEU A 106 -7.55 3.96 -3.68
N ALA A 107 -6.40 3.88 -2.99
CA ALA A 107 -5.11 4.05 -3.64
C ALA A 107 -4.67 2.72 -4.26
N SER A 108 -4.45 2.73 -5.58
CA SER A 108 -4.04 1.52 -6.28
C SER A 108 -2.62 1.61 -6.81
N SER A 109 -1.77 2.50 -6.26
CA SER A 109 -0.38 2.51 -6.68
C SER A 109 0.36 1.27 -6.17
N ALA A 110 0.01 0.81 -4.98
CA ALA A 110 0.64 -0.40 -4.47
C ALA A 110 0.34 -1.57 -5.38
N SER A 111 -0.94 -1.86 -5.60
CA SER A 111 -1.32 -3.01 -6.41
C SER A 111 -1.00 -2.74 -7.90
N GLY A 112 -1.15 -1.50 -8.33
CA GLY A 112 -0.88 -1.18 -9.73
C GLY A 112 0.58 -1.31 -10.07
N LEU A 113 1.47 -0.67 -9.31
CA LEU A 113 2.88 -0.77 -9.68
C LEU A 113 3.42 -2.17 -9.44
N ALA A 114 2.95 -2.88 -8.41
CA ALA A 114 3.39 -4.26 -8.22
C ALA A 114 2.99 -5.11 -9.41
N ALA A 115 1.73 -5.00 -9.84
CA ALA A 115 1.30 -5.80 -10.98
C ALA A 115 2.11 -5.47 -12.23
N LEU A 116 2.39 -4.17 -12.47
CA LEU A 116 3.16 -3.82 -13.65
C LEU A 116 4.58 -4.36 -13.54
N ALA A 117 5.15 -4.34 -12.35
CA ALA A 117 6.48 -4.91 -12.18
C ALA A 117 6.48 -6.39 -12.49
N GLY A 118 5.43 -7.08 -12.07
CA GLY A 118 5.36 -8.51 -12.30
C GLY A 118 5.17 -8.80 -13.77
N ALA A 119 4.32 -8.01 -14.44
CA ALA A 119 4.08 -8.24 -15.85
C ALA A 119 5.31 -7.97 -16.66
N CYS A 120 6.08 -6.93 -16.30
CA CYS A 120 7.32 -6.64 -17.04
C CYS A 120 8.32 -7.76 -16.81
N ASN A 121 8.40 -8.26 -15.57
CA ASN A 121 9.28 -9.38 -15.24
C ASN A 121 9.01 -10.57 -16.14
N VAL A 122 7.74 -10.89 -16.36
CA VAL A 122 7.34 -11.97 -17.26
C VAL A 122 7.68 -11.63 -18.70
N ALA A 123 7.24 -10.46 -19.15
CA ALA A 123 7.40 -10.12 -20.57
C ALA A 123 8.85 -10.11 -21.00
N LEU A 124 9.72 -9.50 -20.19
CA LEU A 124 11.12 -9.41 -20.55
C LEU A 124 11.92 -10.60 -20.09
N GLY A 125 11.28 -11.62 -19.51
CA GLY A 125 12.00 -12.78 -19.03
C GLY A 125 13.06 -12.49 -18.00
N LEU A 126 12.80 -11.56 -17.09
CA LEU A 126 13.82 -11.22 -16.11
C LEU A 126 14.05 -12.34 -15.10
N ASN A 127 13.07 -13.20 -14.89
CA ASN A 127 13.19 -14.35 -14.00
C ASN A 127 13.59 -13.94 -12.58
N LEU A 128 12.92 -12.92 -12.02
CA LEU A 128 13.36 -12.38 -10.75
C LEU A 128 12.87 -13.28 -9.62
N SER A 129 13.72 -13.43 -8.60
CA SER A 129 13.26 -13.93 -7.31
C SER A 129 12.26 -12.95 -6.71
N ALA A 130 11.55 -13.41 -5.68
CA ALA A 130 10.58 -12.57 -5.01
C ALA A 130 11.25 -11.35 -4.38
N LYS A 131 12.45 -11.54 -3.82
CA LYS A 131 13.23 -10.42 -3.29
C LYS A 131 13.57 -9.39 -4.36
N ASP A 132 14.05 -9.84 -5.52
CA ASP A 132 14.47 -8.89 -6.54
C ASP A 132 13.26 -8.27 -7.23
N LEU A 133 12.14 -9.01 -7.29
CA LEU A 133 10.92 -8.43 -7.82
C LEU A 133 10.39 -7.32 -6.91
N SER A 134 10.52 -7.50 -5.60
CA SER A 134 10.18 -6.47 -4.63
C SER A 134 11.08 -5.26 -4.79
N ARG A 135 12.38 -5.48 -5.03
CA ARG A 135 13.29 -4.36 -5.30
C ARG A 135 12.88 -3.60 -6.54
N LEU A 136 12.44 -4.31 -7.58
CA LEU A 136 12.00 -3.65 -8.81
C LEU A 136 10.72 -2.85 -8.59
N ALA A 137 9.76 -3.47 -7.92
CA ALA A 137 8.48 -2.82 -7.69
C ALA A 137 8.67 -1.59 -6.83
N ARG A 138 9.64 -1.67 -5.92
CA ARG A 138 9.98 -0.56 -5.03
C ARG A 138 10.30 0.70 -5.81
N ARG A 139 10.95 0.54 -6.98
CA ARG A 139 11.31 1.70 -7.79
C ARG A 139 10.10 2.32 -8.45
N GLY A 140 9.00 1.58 -8.57
CA GLY A 140 7.81 2.22 -9.10
C GLY A 140 7.06 2.98 -8.02
N SER A 141 6.89 2.34 -6.87
CA SER A 141 6.16 2.89 -5.75
C SER A 141 6.64 2.15 -4.54
N GLY A 142 6.98 2.87 -3.47
CA GLY A 142 7.48 2.20 -2.28
C GLY A 142 6.55 1.11 -1.78
N SER A 143 5.26 1.44 -1.61
CA SER A 143 4.36 0.46 -1.02
C SER A 143 4.13 -0.74 -1.94
N ALA A 144 4.38 -0.60 -3.24
CA ALA A 144 4.22 -1.74 -4.14
C ALA A 144 5.16 -2.88 -3.78
N CYS A 145 6.31 -2.59 -3.17
CA CYS A 145 7.26 -3.67 -2.91
C CYS A 145 6.74 -4.64 -1.85
N ARG A 146 5.80 -4.24 -1.02
CA ARG A 146 5.18 -5.15 -0.06
C ARG A 146 4.07 -6.00 -0.67
N SER A 147 3.47 -5.53 -1.78
CA SER A 147 2.37 -6.27 -2.41
C SER A 147 2.86 -7.46 -3.21
N ILE A 148 4.18 -7.63 -3.33
CA ILE A 148 4.74 -8.89 -3.85
C ILE A 148 4.34 -10.05 -2.94
N PHE A 149 4.11 -9.78 -1.66
CA PHE A 149 3.90 -10.79 -0.64
C PHE A 149 2.46 -10.79 -0.14
N GLY A 150 2.07 -11.91 0.45
CA GLY A 150 0.75 -12.04 1.01
C GLY A 150 0.80 -11.90 2.52
N GLY A 151 -0.38 -11.72 3.10
CA GLY A 151 -0.47 -11.66 4.56
C GLY A 151 0.32 -10.47 5.11
N PHE A 152 1.06 -10.73 6.19
CA PHE A 152 1.92 -9.72 6.78
C PHE A 152 3.20 -9.63 5.98
N ALA A 153 3.66 -8.42 5.72
CA ALA A 153 4.92 -8.24 4.99
C ALA A 153 5.63 -7.01 5.52
N GLN A 154 6.96 -7.09 5.63
CA GLN A 154 7.78 -5.99 6.11
C GLN A 154 8.72 -5.52 5.00
N TRP A 155 8.76 -4.21 4.77
CA TRP A 155 9.73 -3.56 3.90
C TRP A 155 10.90 -3.13 4.79
N ASN A 156 12.01 -3.85 4.69
CA ASN A 156 13.23 -3.43 5.38
C ASN A 156 13.88 -2.25 4.68
N LYS A 157 14.11 -1.18 5.43
CA LYS A 157 14.61 0.03 4.79
C LYS A 157 15.96 -0.19 4.13
N GLY A 158 16.78 -1.08 4.66
CA GLY A 158 18.10 -1.31 4.08
C GLY A 158 18.92 -0.04 4.11
N HIS A 159 19.91 0.00 3.21
CA HIS A 159 20.72 1.19 3.03
C HIS A 159 21.07 1.44 1.59
N SER A 160 20.57 0.63 0.66
CA SER A 160 20.96 0.67 -0.73
C SER A 160 19.88 -0.01 -1.58
N ASP A 161 19.97 0.17 -2.90
CA ASP A 161 19.06 -0.50 -3.81
C ASP A 161 19.02 -1.98 -3.53
N GLU A 162 20.15 -2.56 -3.18
CA GLU A 162 20.26 -4.00 -2.99
C GLU A 162 19.64 -4.49 -1.71
N THR A 163 19.60 -3.65 -0.69
CA THR A 163 19.18 -4.10 0.64
C THR A 163 17.84 -3.53 1.07
N SER A 164 17.14 -2.74 0.24
CA SER A 164 15.80 -2.22 0.57
C SER A 164 14.78 -3.05 -0.20
N PHE A 165 14.05 -3.90 0.50
CA PHE A 165 13.11 -4.83 -0.13
C PHE A 165 12.24 -5.41 0.97
N ALA A 166 11.15 -6.07 0.56
CA ALA A 166 10.16 -6.61 1.49
C ALA A 166 10.27 -8.11 1.58
N GLU A 167 9.66 -8.65 2.63
CA GLU A 167 9.58 -10.09 2.85
C GLU A 167 8.33 -10.42 3.67
N ASN A 168 7.82 -11.63 3.47
CA ASN A 168 6.68 -12.10 4.27
C ASN A 168 7.09 -12.20 5.73
N ILE A 169 6.15 -11.92 6.62
CA ILE A 169 6.33 -12.15 8.06
C ILE A 169 5.53 -13.40 8.43
N PRO A 170 6.18 -14.54 8.70
CA PRO A 170 5.39 -15.71 9.13
C PRO A 170 4.63 -15.43 10.41
N ALA A 171 3.34 -15.74 10.41
CA ALA A 171 2.48 -15.43 11.55
C ALA A 171 1.66 -16.63 12.01
N ASN A 172 2.09 -17.85 11.63
CA ASN A 172 1.35 -19.07 11.94
C ASN A 172 -0.15 -18.94 11.61
N ASN A 173 -0.44 -18.33 10.47
CA ASN A 173 -1.78 -18.12 9.91
C ASN A 173 -2.66 -17.17 10.72
N TRP A 174 -2.10 -16.44 11.69
CA TRP A 174 -2.91 -15.47 12.44
C TRP A 174 -3.62 -14.47 11.53
N GLU A 175 -3.04 -14.16 10.38
CA GLU A 175 -3.67 -13.20 9.51
C GLU A 175 -5.01 -13.69 8.98
N ASN A 176 -5.25 -15.02 8.99
CA ASN A 176 -6.53 -15.50 8.50
C ASN A 176 -7.66 -15.34 9.51
N GLU A 177 -7.33 -14.92 10.74
CA GLU A 177 -8.33 -14.56 11.74
C GLU A 177 -8.69 -13.08 11.73
N LEU A 178 -8.09 -12.26 10.85
CA LEU A 178 -8.25 -10.81 10.91
C LEU A 178 -9.05 -10.28 9.74
N ALA A 179 -9.51 -9.04 9.87
CA ALA A 179 -10.28 -8.37 8.85
C ALA A 179 -9.99 -6.89 8.91
N MET A 180 -10.27 -6.22 7.82
CA MET A 180 -10.17 -4.79 7.76
C MET A 180 -11.44 -4.25 7.15
N LEU A 181 -12.09 -3.34 7.83
CA LEU A 181 -13.28 -2.70 7.32
C LEU A 181 -12.96 -1.29 6.86
N PHE A 182 -13.24 -1.02 5.59
CA PHE A 182 -12.97 0.29 4.99
C PHE A 182 -14.20 1.14 5.17
N ILE A 183 -14.03 2.28 5.80
CA ILE A 183 -15.05 3.32 5.90
C ILE A 183 -14.73 4.35 4.83
N LEU A 184 -15.55 4.38 3.78
CA LEU A 184 -15.34 5.28 2.65
C LEU A 184 -15.93 6.64 2.94
N ILE A 185 -15.09 7.67 2.88
CA ILE A 185 -15.43 9.02 3.32
C ILE A 185 -15.28 9.94 2.11
N ASN A 186 -16.32 10.73 1.84
CA ASN A 186 -16.27 11.73 0.75
C ASN A 186 -15.31 12.87 1.07
N SER A 193 -1.66 15.54 -1.67
CA SER A 193 -0.87 14.53 -2.38
C SER A 193 -0.03 13.71 -1.40
N SER A 194 0.11 12.41 -1.67
CA SER A 194 0.90 11.55 -0.79
C SER A 194 2.39 11.86 -0.88
N ARG A 195 2.93 11.94 -2.11
CA ARG A 195 4.38 12.03 -2.27
C ARG A 195 4.90 13.42 -1.96
N ASP A 196 4.09 14.45 -2.22
CA ASP A 196 4.44 15.83 -1.94
C ASP A 196 4.27 16.21 -0.46
N GLY A 197 3.24 15.67 0.22
CA GLY A 197 3.09 15.97 1.63
C GLY A 197 4.18 15.31 2.45
N MET A 198 4.56 14.11 2.04
CA MET A 198 5.65 13.37 2.64
C MET A 198 6.97 14.12 2.52
N LYS A 199 7.31 14.56 1.30
CA LYS A 199 8.52 15.34 1.08
C LYS A 199 8.53 16.61 1.93
N ARG A 200 7.41 17.34 1.93
CA ARG A 200 7.33 18.57 2.72
C ARG A 200 7.51 18.26 4.21
N THR A 201 6.96 17.15 4.68
CA THR A 201 7.08 16.80 6.11
C THR A 201 8.51 16.43 6.46
N VAL A 202 9.14 15.57 5.64
CA VAL A 202 10.55 15.23 5.88
C VAL A 202 11.40 16.48 5.92
N GLU A 203 11.19 17.40 4.97
CA GLU A 203 12.11 18.51 4.82
C GLU A 203 11.86 19.62 5.82
N THR A 204 10.62 19.77 6.32
CA THR A 204 10.26 20.92 7.12
C THR A 204 9.60 20.65 8.48
N SER A 205 9.14 19.44 8.79
CA SER A 205 8.33 19.29 10.01
C SER A 205 9.22 19.16 11.25
N SER A 206 8.94 20.00 12.26
CA SER A 206 9.55 19.90 13.59
C SER A 206 9.20 18.61 14.33
N PHE A 207 8.24 17.85 13.85
CA PHE A 207 7.83 16.60 14.48
C PHE A 207 8.43 15.36 13.82
N TYR A 208 9.14 15.51 12.70
CA TYR A 208 9.54 14.34 11.94
C TYR A 208 10.56 13.50 12.71
N GLN A 209 11.48 14.14 13.44
CA GLN A 209 12.43 13.36 14.25
C GLN A 209 11.70 12.50 15.29
N GLY A 210 10.62 13.03 15.86
CA GLY A 210 9.79 12.24 16.77
C GLY A 210 9.15 11.03 16.11
N TRP A 211 8.71 11.19 14.86
CA TRP A 211 8.30 10.04 14.06
C TRP A 211 9.41 9.00 13.96
N LEU A 212 10.60 9.39 13.52
CA LEU A 212 11.70 8.43 13.35
C LEU A 212 12.09 7.75 14.65
N ASP A 213 12.17 8.49 15.75
CA ASP A 213 12.60 7.95 17.04
C ASP A 213 11.65 6.88 17.59
N ASN A 214 10.44 6.75 17.05
CA ASN A 214 9.48 5.79 17.58
C ASN A 214 9.17 4.61 16.66
N VAL A 215 9.66 4.58 15.41
CA VAL A 215 9.26 3.53 14.47
C VAL A 215 9.81 2.17 14.88
N GLU A 216 11.10 2.12 15.21
CA GLU A 216 11.70 0.81 15.47
C GLU A 216 11.01 0.13 16.66
N LYS A 217 10.69 0.92 17.68
CA LYS A 217 9.98 0.41 18.84
C LYS A 217 8.64 -0.18 18.45
N ASP A 218 7.91 0.53 17.58
CA ASP A 218 6.61 0.07 17.13
C ASP A 218 6.73 -1.23 16.35
N LEU A 219 7.72 -1.31 15.45
CA LEU A 219 7.95 -2.54 14.69
C LEU A 219 8.26 -3.72 15.59
N SER A 220 9.13 -3.54 16.60
CA SER A 220 9.45 -4.63 17.52
C SER A 220 8.21 -5.12 18.24
N GLN A 221 7.35 -4.20 18.66
CA GLN A 221 6.16 -4.61 19.38
C GLN A 221 5.15 -5.28 18.48
N VAL A 222 5.04 -4.85 17.23
CA VAL A 222 4.20 -5.59 16.31
C VAL A 222 4.72 -7.02 16.16
N HIS A 223 6.04 -7.20 16.07
CA HIS A 223 6.57 -8.56 15.93
C HIS A 223 6.24 -9.38 17.15
N GLU A 224 6.26 -8.77 18.33
CA GLU A 224 5.97 -9.52 19.54
C GLU A 224 4.49 -9.83 19.67
N ALA A 225 3.61 -8.88 19.32
CA ALA A 225 2.18 -9.19 19.26
C ALA A 225 1.90 -10.34 18.31
N ILE A 226 2.54 -10.33 17.14
CA ILE A 226 2.27 -11.38 16.15
C ILE A 226 2.67 -12.73 16.73
N LYS A 227 3.82 -12.79 17.40
CA LYS A 227 4.32 -14.06 17.94
C LYS A 227 3.43 -14.62 19.04
N THR A 228 2.66 -13.77 19.71
CA THR A 228 1.75 -14.21 20.76
C THR A 228 0.29 -14.09 20.34
N LYS A 229 0.02 -13.68 19.11
CA LYS A 229 -1.34 -13.47 18.60
C LYS A 229 -2.16 -12.59 19.56
N ASP A 230 -1.56 -11.47 19.95
CA ASP A 230 -2.11 -10.53 20.92
C ASP A 230 -2.76 -9.38 20.14
N PHE A 231 -4.06 -9.54 19.85
CA PHE A 231 -4.72 -8.58 18.99
C PHE A 231 -4.80 -7.18 19.61
N PRO A 232 -5.19 -7.01 20.87
CA PRO A 232 -5.25 -5.64 21.42
C PRO A 232 -3.89 -4.95 21.46
N ARG A 233 -2.81 -5.69 21.68
CA ARG A 233 -1.48 -5.11 21.63
C ARG A 233 -1.17 -4.61 20.22
N LEU A 234 -1.30 -5.49 19.24
CA LEU A 234 -1.17 -5.10 17.83
C LEU A 234 -1.99 -3.84 17.52
N GLY A 235 -3.28 -3.85 17.89
CA GLY A 235 -4.15 -2.74 17.52
C GLY A 235 -3.72 -1.41 18.14
N GLU A 236 -3.33 -1.44 19.41
CA GLU A 236 -2.88 -0.23 20.08
C GLU A 236 -1.63 0.35 19.41
N ILE A 237 -0.64 -0.49 19.11
CA ILE A 237 0.57 -0.03 18.44
C ILE A 237 0.25 0.59 17.10
N ILE A 238 -0.54 -0.09 16.27
CA ILE A 238 -0.71 0.41 14.91
C ILE A 238 -1.59 1.65 14.90
N GLU A 239 -2.58 1.72 15.77
CA GLU A 239 -3.38 2.95 15.80
C GLU A 239 -2.54 4.16 16.22
N ALA A 240 -1.71 3.98 17.24
CA ALA A 240 -0.84 5.07 17.66
C ALA A 240 0.18 5.41 16.57
N ASN A 241 0.71 4.40 15.86
CA ASN A 241 1.70 4.71 14.83
C ASN A 241 1.09 5.55 13.72
N GLY A 242 -0.15 5.22 13.33
CA GLY A 242 -0.84 6.01 12.33
C GLY A 242 -1.14 7.42 12.75
N LEU A 243 -1.57 7.62 14.02
CA LEU A 243 -1.79 8.97 14.51
C LEU A 243 -0.51 9.77 14.60
N ARG A 244 0.61 9.11 14.94
CA ARG A 244 1.91 9.79 14.95
C ARG A 244 2.28 10.32 13.56
N MET A 245 2.04 9.50 12.53
CA MET A 245 2.33 9.95 11.18
C MET A 245 1.51 11.17 10.79
N HIS A 246 0.22 11.17 11.14
CA HIS A 246 -0.63 12.33 10.82
C HIS A 246 -0.29 13.55 11.64
N GLY A 247 0.16 13.38 12.90
CA GLY A 247 0.66 14.51 13.66
C GLY A 247 1.82 15.23 12.97
N THR A 248 2.67 14.51 12.24
CA THR A 248 3.83 15.18 11.67
C THR A 248 3.45 16.24 10.65
N THR A 249 2.27 16.10 9.97
CA THR A 249 1.93 17.05 8.93
C THR A 249 1.51 18.39 9.53
N LEU A 250 0.98 18.39 10.74
CA LEU A 250 0.68 19.62 11.48
C LEU A 250 1.92 20.38 11.94
N GLY A 251 3.10 19.78 11.86
CA GLY A 251 4.33 20.47 12.16
C GLY A 251 5.10 20.87 10.92
N ALA A 252 4.57 20.53 9.74
CA ALA A 252 5.25 20.88 8.49
C ALA A 252 5.08 22.37 8.23
N VAL A 253 5.83 22.87 7.23
CA VAL A 253 5.80 24.29 6.92
C VAL A 253 5.57 24.48 5.42
N PRO A 254 4.39 24.93 4.99
CA PRO A 254 3.20 25.20 5.80
C PRO A 254 2.51 23.91 6.29
N PRO A 255 1.78 24.00 7.42
CA PRO A 255 1.15 22.81 7.99
C PRO A 255 -0.09 22.43 7.21
N PHE A 256 -0.43 21.14 7.32
CA PHE A 256 -1.55 20.59 6.56
C PHE A 256 -2.00 19.32 7.29
N THR A 257 -3.22 18.88 6.94
CA THR A 257 -3.78 17.62 7.44
C THR A 257 -4.35 16.86 6.27
N TYR A 258 -4.29 15.54 6.33
CA TYR A 258 -4.99 14.71 5.36
C TYR A 258 -6.43 14.40 5.75
N TRP A 259 -6.86 14.80 6.95
CA TRP A 259 -8.17 14.40 7.44
C TRP A 259 -9.26 15.25 6.82
N SER A 260 -10.43 14.67 6.71
CA SER A 260 -11.67 15.39 6.44
C SER A 260 -12.59 15.32 7.66
N PRO A 261 -13.67 16.12 7.70
CA PRO A 261 -14.62 15.98 8.81
C PRO A 261 -15.11 14.56 9.04
N GLY A 262 -15.40 13.84 7.98
CA GLY A 262 -15.90 12.49 8.14
C GLY A 262 -14.86 11.53 8.66
N SER A 263 -13.57 11.82 8.45
CA SER A 263 -12.50 10.99 9.03
C SER A 263 -12.57 11.03 10.54
N LEU A 264 -12.73 12.22 11.09
CA LEU A 264 -12.78 12.36 12.54
C LEU A 264 -14.02 11.70 13.11
N GLN A 265 -15.16 11.86 12.44
CA GLN A 265 -16.37 11.15 12.90
C GLN A 265 -16.14 9.66 12.93
N ALA A 266 -15.52 9.09 11.88
CA ALA A 266 -15.28 7.65 11.85
C ALA A 266 -14.34 7.25 12.98
N MET A 267 -13.26 8.01 13.15
CA MET A 267 -12.30 7.69 14.19
C MET A 267 -12.95 7.72 15.57
N ALA A 268 -13.75 8.75 15.83
CA ALA A 268 -14.52 8.81 17.07
C ALA A 268 -15.45 7.60 17.24
N LEU A 269 -16.10 7.16 16.17
CA LEU A 269 -16.99 6.01 16.31
C LEU A 269 -16.23 4.74 16.61
N VAL A 270 -15.03 4.58 16.03
CA VAL A 270 -14.22 3.42 16.38
C VAL A 270 -13.92 3.42 17.86
N ARG A 271 -13.53 4.58 18.44
CA ARG A 271 -13.25 4.62 19.88
C ARG A 271 -14.50 4.26 20.68
N GLN A 272 -15.67 4.70 20.25
CA GLN A 272 -16.90 4.31 20.94
C GLN A 272 -17.13 2.80 20.84
N ALA A 273 -16.92 2.21 19.66
CA ALA A 273 -17.07 0.77 19.51
C ALA A 273 -16.20 0.02 20.49
N ARG A 274 -14.96 0.45 20.61
CA ARG A 274 -14.04 -0.19 21.53
C ARG A 274 -14.50 -0.02 22.98
N ALA A 275 -15.05 1.16 23.31
CA ALA A 275 -15.60 1.35 24.66
C ALA A 275 -16.72 0.36 24.96
N LYS A 276 -17.49 -0.06 23.95
CA LYS A 276 -18.58 -1.01 24.14
C LYS A 276 -18.13 -2.47 24.03
N GLY A 277 -16.82 -2.74 24.06
CA GLY A 277 -16.31 -4.09 24.06
C GLY A 277 -16.01 -4.68 22.70
N ILE A 278 -16.06 -3.90 21.63
CA ILE A 278 -15.63 -4.39 20.31
C ILE A 278 -14.17 -4.00 20.09
N PRO A 279 -13.20 -4.93 20.22
CA PRO A 279 -11.79 -4.56 19.99
C PRO A 279 -11.52 -4.29 18.52
N CYS A 280 -11.30 -3.03 18.19
CA CYS A 280 -11.03 -2.61 16.84
C CYS A 280 -10.21 -1.32 16.90
N TYR A 281 -9.49 -1.08 15.81
CA TYR A 281 -8.41 -0.09 15.79
C TYR A 281 -8.30 0.49 14.40
N PHE A 282 -8.19 1.81 14.30
CA PHE A 282 -8.22 2.45 13.00
C PHE A 282 -6.82 2.84 12.55
N THR A 283 -6.70 3.02 11.23
CA THR A 283 -5.53 3.62 10.61
C THR A 283 -5.99 4.33 9.35
N MET A 284 -5.23 5.35 8.98
CA MET A 284 -5.48 6.21 7.83
C MET A 284 -4.19 6.33 7.03
N ASP A 285 -4.30 6.53 5.72
CA ASP A 285 -3.15 6.86 4.91
C ASP A 285 -3.23 8.32 4.48
N ALA A 286 -2.68 8.64 3.31
CA ALA A 286 -2.63 10.03 2.81
C ALA A 286 -3.93 10.43 2.13
N GLY A 287 -4.99 10.50 2.92
CA GLY A 287 -6.30 10.84 2.42
C GLY A 287 -7.31 10.59 3.53
N PRO A 288 -8.62 10.76 3.23
CA PRO A 288 -9.64 10.79 4.30
C PRO A 288 -10.29 9.47 4.68
N ASN A 289 -10.13 8.39 3.92
CA ASN A 289 -10.76 7.12 4.28
C ASN A 289 -10.19 6.54 5.57
N VAL A 290 -10.99 5.77 6.29
CA VAL A 290 -10.59 5.23 7.57
C VAL A 290 -10.69 3.72 7.50
N LYS A 291 -9.57 3.03 7.75
CA LYS A 291 -9.56 1.58 7.74
C LYS A 291 -9.56 1.07 9.18
N VAL A 292 -10.31 0.01 9.43
CA VAL A 292 -10.52 -0.46 10.80
C VAL A 292 -10.07 -1.91 10.90
N LEU A 293 -9.06 -2.16 11.71
CA LEU A 293 -8.59 -3.52 11.92
C LEU A 293 -9.45 -4.15 13.02
N VAL A 294 -9.90 -5.37 12.78
CA VAL A 294 -10.83 -6.06 13.69
C VAL A 294 -10.70 -7.55 13.43
N GLU A 295 -10.89 -8.35 14.47
CA GLU A 295 -10.88 -9.80 14.33
C GLU A 295 -12.13 -10.26 13.59
N LYS A 296 -11.99 -11.30 12.75
CA LYS A 296 -13.15 -11.77 11.99
C LYS A 296 -14.34 -12.07 12.88
N LYS A 297 -14.09 -12.73 14.01
CA LYS A 297 -15.13 -13.10 14.96
C LYS A 297 -15.86 -11.91 15.56
N ASN A 298 -15.40 -10.69 15.29
CA ASN A 298 -16.04 -9.49 15.78
C ASN A 298 -16.48 -8.58 14.66
N LEU A 299 -16.33 -9.01 13.39
CA LEU A 299 -16.53 -8.06 12.31
C LEU A 299 -18.00 -7.68 12.18
N GLU A 300 -18.91 -8.64 12.39
CA GLU A 300 -20.32 -8.32 12.18
C GLU A 300 -20.82 -7.39 13.28
N ALA A 301 -20.38 -7.60 14.51
CA ALA A 301 -20.68 -6.63 15.57
C ALA A 301 -20.21 -5.23 15.20
N LEU A 302 -19.00 -5.10 14.61
CA LEU A 302 -18.51 -3.77 14.23
C LEU A 302 -19.35 -3.17 13.13
N LYS A 303 -19.65 -3.94 12.08
CA LYS A 303 -20.53 -3.43 11.03
C LYS A 303 -21.90 -3.07 11.59
N THR A 304 -22.43 -3.88 12.50
CA THR A 304 -23.70 -3.54 13.14
C THR A 304 -23.61 -2.19 13.85
N PHE A 305 -22.52 -1.94 14.57
CA PHE A 305 -22.33 -0.66 15.24
C PHE A 305 -22.27 0.53 14.25
N LEU A 306 -21.45 0.45 13.20
CA LEU A 306 -21.31 1.64 12.37
C LEU A 306 -22.49 1.89 11.42
N SER A 307 -23.44 0.95 11.29
CA SER A 307 -24.61 1.16 10.43
C SER A 307 -25.37 2.46 10.73
N GLU A 308 -25.29 2.93 11.97
CA GLU A 308 -26.11 4.05 12.43
C GLU A 308 -25.69 5.36 11.77
N HIS A 309 -24.43 5.49 11.34
CA HIS A 309 -23.96 6.71 10.70
C HIS A 309 -23.43 6.49 9.30
N PHE A 310 -23.33 5.25 8.84
CA PHE A 310 -22.81 5.00 7.50
C PHE A 310 -23.71 4.03 6.75
N SER A 311 -23.98 4.33 5.48
CA SER A 311 -24.67 3.37 4.63
C SER A 311 -23.76 2.16 4.38
N LYS A 312 -24.39 1.05 3.99
CA LYS A 312 -23.65 -0.16 3.73
C LYS A 312 -22.68 0.04 2.56
N GLU A 313 -23.04 0.93 1.62
CA GLU A 313 -22.14 1.26 0.53
C GLU A 313 -20.84 1.89 0.99
N GLN A 314 -20.78 2.35 2.24
CA GLN A 314 -19.59 3.00 2.77
C GLN A 314 -18.74 2.06 3.60
N LEU A 315 -19.20 0.84 3.87
CA LEU A 315 -18.54 -0.14 4.72
C LEU A 315 -18.14 -1.36 3.90
N VAL A 316 -16.87 -1.46 3.53
CA VAL A 316 -16.42 -2.53 2.65
C VAL A 316 -15.41 -3.40 3.41
N PRO A 317 -15.68 -4.67 3.61
CA PRO A 317 -14.75 -5.52 4.35
C PRO A 317 -13.66 -6.13 3.46
N ALA A 318 -12.56 -6.49 4.11
CA ALA A 318 -11.44 -7.11 3.43
C ALA A 318 -10.74 -8.03 4.40
N PHE A 319 -10.16 -9.09 3.85
CA PHE A 319 -9.47 -10.09 4.61
C PHE A 319 -8.07 -10.25 4.03
N ALA A 320 -7.31 -11.16 4.60
CA ALA A 320 -5.92 -11.31 4.21
C ALA A 320 -5.88 -11.89 2.80
N GLY A 321 -4.89 -11.47 2.04
CA GLY A 321 -4.83 -11.76 0.63
C GLY A 321 -3.46 -12.25 0.24
N PRO A 322 -3.34 -12.77 -0.98
CA PRO A 322 -2.12 -13.46 -1.39
C PRO A 322 -1.11 -12.51 -2.01
N GLY A 323 0.12 -13.02 -2.15
CA GLY A 323 1.18 -12.36 -2.88
C GLY A 323 0.93 -12.38 -4.38
N ILE A 324 1.91 -11.81 -5.11
CA ILE A 324 1.71 -11.53 -6.53
C ILE A 324 1.58 -12.83 -7.30
N GLU A 325 0.71 -12.84 -8.31
CA GLU A 325 0.53 -13.96 -9.23
C GLU A 325 0.97 -13.55 -10.63
N LEU A 326 1.87 -14.32 -11.23
CA LEU A 326 2.41 -14.02 -12.56
C LEU A 326 1.82 -14.97 -13.58
N PHE A 327 1.59 -14.46 -14.80
CA PHE A 327 0.96 -15.25 -15.84
C PHE A 327 1.69 -15.04 -17.16
N GLU A 328 2.11 -16.15 -17.78
CA GLU A 328 2.53 -16.12 -19.18
C GLU A 328 1.34 -15.81 -20.07
N THR A 329 1.62 -15.10 -21.18
CA THR A 329 0.56 -14.74 -22.13
C THR A 329 0.40 -15.82 -23.18
#